data_7ORG
#
_entry.id   7ORG
#
_cell.length_a   82.607
_cell.length_b   110.882
_cell.length_c   61.152
_cell.angle_alpha   90.000
_cell.angle_beta   90.000
_cell.angle_gamma   90.000
#
_symmetry.space_group_name_H-M   'C 2 2 21'
#
loop_
_entity.id
_entity.type
_entity.pdbx_description
1 polymer '14-3-3 protein sigma'
2 polymer 'Cyclin-dependent kinase inhibitor 1B'
3 non-polymer ~{N}-[(5-carbamimidoyl-3-phenyl-thiophen-2-yl)methyl]-2,3-dihydro-1-benzofuran-7-carboxamide
4 non-polymer 'MAGNESIUM ION'
5 non-polymer 'CHLORIDE ION'
6 water water
#
loop_
_entity_poly.entity_id
_entity_poly.type
_entity_poly.pdbx_seq_one_letter_code
_entity_poly.pdbx_strand_id
1 'polypeptide(L)'
;GAMGSMERASLIQKAKLAEQAERYEDMAAFMKGAVEKGEELS(CSO)EERNLLSVAYKNVVGGQRAAWRVLSSIEQKSNE
EGSEEKGPEVREYREKVETELQGVCDTVLGLLDSHLIKEAGDAESRVFYLKMKGDYYRYLAEVATGDDKKRIIDSARSAY
QEAMDISKKEMPPTNPIRLGLALNFSVFHYEIANSPEEAISLAKTTFDEAMADLHTLSEDSYKDSTLIMQLLRDNLTLWT
ADNAGEEGGEAPQEPQS
;
A
2 'polypeptide(L)' TPKKPGLRRRQ(TPO) P
#
# COMPACT_ATOMS: atom_id res chain seq x y z
N GLY A 1 21.06 10.33 9.78
CA GLY A 1 20.96 11.32 8.66
C GLY A 1 20.21 10.73 7.48
N ALA A 2 19.70 11.57 6.59
CA ALA A 2 19.84 13.03 6.69
C ALA A 2 18.92 13.61 7.75
N MET A 3 18.04 12.77 8.33
CA MET A 3 17.13 13.21 9.38
C MET A 3 17.63 12.83 10.77
N GLY A 4 18.82 12.24 10.87
CA GLY A 4 19.31 11.74 12.13
C GLY A 4 19.53 12.79 13.19
N SER A 5 19.71 14.04 12.81
CA SER A 5 19.92 15.06 13.82
C SER A 5 18.63 15.73 14.29
N MET A 6 17.47 15.38 13.74
CA MET A 6 16.23 16.01 14.14
C MET A 6 15.53 15.14 15.17
N GLU A 7 14.94 15.79 16.17
CA GLU A 7 14.12 15.11 17.16
C GLU A 7 12.96 14.34 16.54
N ARG A 8 12.67 13.17 17.10
CA ARG A 8 11.54 12.36 16.66
C ARG A 8 10.25 13.17 16.63
N ALA A 9 9.95 13.86 17.73
CA ALA A 9 8.71 14.64 17.80
C ALA A 9 8.67 15.73 16.74
N SER A 10 9.82 16.34 16.44
CA SER A 10 9.86 17.38 15.42
C SER A 10 9.62 16.81 14.03
N LEU A 11 10.18 15.62 13.77
CA LEU A 11 9.93 14.92 12.50
C LEU A 11 8.45 14.61 12.32
N ILE A 12 7.78 14.13 13.38
CA ILE A 12 6.34 13.85 13.27
C ILE A 12 5.58 15.14 13.00
N GLN A 13 5.93 16.20 13.74
CA GLN A 13 5.22 17.46 13.56
C GLN A 13 5.41 17.98 12.13
N LYS A 14 6.62 17.85 11.60
CA LYS A 14 6.89 18.34 10.25
C LYS A 14 6.24 17.44 9.19
N ALA A 15 6.12 16.14 9.47
CA ALA A 15 5.34 15.28 8.57
C ALA A 15 3.90 15.79 8.44
N LYS A 16 3.29 16.16 9.58
CA LYS A 16 1.91 16.64 9.53
C LYS A 16 1.82 17.97 8.80
N LEU A 17 2.83 18.84 8.94
CA LEU A 17 2.86 20.10 8.19
C LEU A 17 3.04 19.85 6.70
N ALA A 18 3.93 18.93 6.33
CA ALA A 18 4.14 18.59 4.94
C ALA A 18 2.86 18.04 4.31
N GLU A 19 2.10 17.24 5.07
CA GLU A 19 0.85 16.74 4.52
C GLU A 19 -0.11 17.90 4.22
N GLN A 20 -0.24 18.85 5.13
CA GLN A 20 -1.10 20.00 4.87
C GLN A 20 -0.63 20.80 3.66
N ALA A 21 0.68 20.84 3.41
CA ALA A 21 1.28 21.55 2.30
C ALA A 21 1.30 20.73 1.02
N GLU A 22 0.81 19.49 1.07
CA GLU A 22 0.86 18.53 -0.03
C GLU A 22 2.29 18.34 -0.53
N ARG A 23 3.22 18.28 0.41
CA ARG A 23 4.63 18.08 0.12
C ARG A 23 4.98 16.66 0.53
N TYR A 24 4.51 15.70 -0.28
CA TYR A 24 4.53 14.32 0.17
C TYR A 24 5.93 13.72 0.18
N GLU A 25 6.82 14.19 -0.70
CA GLU A 25 8.21 13.71 -0.64
CA GLU A 25 8.21 13.72 -0.65
C GLU A 25 8.87 14.11 0.68
N ASP A 26 8.66 15.36 1.10
CA ASP A 26 9.14 15.79 2.41
C ASP A 26 8.52 14.94 3.50
N MET A 27 7.21 14.72 3.40
CA MET A 27 6.50 13.97 4.42
C MET A 27 7.09 12.58 4.59
N ALA A 28 7.37 11.92 3.47
CA ALA A 28 7.94 10.58 3.50
C ALA A 28 9.35 10.58 4.09
N ALA A 29 10.15 11.59 3.77
CA ALA A 29 11.49 11.72 4.35
C ALA A 29 11.44 11.94 5.86
N PHE A 30 10.51 12.78 6.31
CA PHE A 30 10.36 13.00 7.74
C PHE A 30 9.94 11.72 8.44
N MET A 31 8.97 10.99 7.87
CA MET A 31 8.50 9.77 8.49
C MET A 31 9.56 8.65 8.44
N LYS A 32 10.34 8.57 7.37
CA LYS A 32 11.49 7.67 7.34
C LYS A 32 12.43 7.99 8.50
N GLY A 33 12.72 9.27 8.69
CA GLY A 33 13.55 9.67 9.82
C GLY A 33 12.94 9.24 11.15
N ALA A 34 11.63 9.39 11.29
CA ALA A 34 10.99 8.99 12.53
C ALA A 34 11.10 7.49 12.76
N VAL A 35 10.82 6.68 11.74
CA VAL A 35 11.02 5.23 11.87
C VAL A 35 12.44 4.91 12.29
N GLU A 36 13.43 5.60 11.70
CA GLU A 36 14.84 5.25 11.96
C GLU A 36 15.31 5.61 13.36
N LYS A 37 14.52 6.35 14.15
CA LYS A 37 14.81 6.52 15.56
C LYS A 37 14.75 5.21 16.33
N GLY A 38 14.05 4.20 15.82
CA GLY A 38 14.08 2.87 16.40
C GLY A 38 12.94 2.54 17.35
N GLU A 39 12.06 3.48 17.65
CA GLU A 39 10.93 3.24 18.51
C GLU A 39 9.72 2.80 17.69
N GLU A 40 8.86 2.01 18.31
CA GLU A 40 7.61 1.65 17.65
C GLU A 40 6.83 2.91 17.27
N LEU A 41 5.96 2.75 16.27
CA LEU A 41 5.10 3.82 15.82
C LEU A 41 3.68 3.63 16.35
N SER A 42 3.05 4.73 16.71
CA SER A 42 1.65 4.73 17.11
C SER A 42 0.73 4.58 15.91
N GLU A 44 -1.43 6.72 14.68
CA GLU A 44 -1.40 7.94 13.88
C GLU A 44 -0.11 8.00 13.08
N GLU A 45 0.99 7.64 13.74
CA GLU A 45 2.30 7.66 13.10
C GLU A 45 2.39 6.64 11.97
N ARG A 46 1.83 5.44 12.18
CA ARG A 46 1.76 4.45 11.10
C ARG A 46 0.96 5.00 9.93
N ASN A 47 -0.15 5.68 10.22
CA ASN A 47 -0.96 6.25 9.15
C ASN A 47 -0.20 7.32 8.41
N LEU A 48 0.60 8.13 9.13
CA LEU A 48 1.40 9.16 8.48
C LEU A 48 2.43 8.55 7.55
N LEU A 49 3.10 7.50 8.01
CA LEU A 49 4.05 6.81 7.17
C LEU A 49 3.39 6.29 5.91
N SER A 50 2.26 5.61 6.08
CA SER A 50 1.59 5.00 4.94
C SER A 50 1.09 6.05 3.94
N VAL A 51 0.48 7.13 4.43
CA VAL A 51 -0.05 8.16 3.55
C VAL A 51 1.06 8.82 2.75
N ALA A 52 2.19 9.10 3.40
CA ALA A 52 3.30 9.75 2.73
C ALA A 52 3.81 8.91 1.56
N TYR A 53 4.17 7.66 1.81
CA TYR A 53 4.72 6.85 0.73
C TYR A 53 3.66 6.49 -0.31
N LYS A 54 2.40 6.33 0.11
CA LYS A 54 1.34 6.09 -0.87
C LYS A 54 1.30 7.20 -1.91
N ASN A 55 1.36 8.44 -1.45
CA ASN A 55 1.30 9.56 -2.38
C ASN A 55 2.57 9.65 -3.21
N VAL A 56 3.74 9.44 -2.61
CA VAL A 56 4.97 9.47 -3.40
C VAL A 56 4.93 8.41 -4.49
N VAL A 57 4.73 7.15 -4.11
CA VAL A 57 4.75 6.08 -5.09
CA VAL A 57 4.73 6.07 -5.09
C VAL A 57 3.54 6.19 -6.03
N GLY A 58 2.44 6.75 -5.56
CA GLY A 58 1.29 6.95 -6.43
C GLY A 58 1.62 7.83 -7.61
N GLY A 59 2.33 8.93 -7.37
CA GLY A 59 2.72 9.79 -8.47
C GLY A 59 3.65 9.09 -9.44
N GLN A 60 4.56 8.27 -8.91
CA GLN A 60 5.51 7.54 -9.73
C GLN A 60 4.80 6.50 -10.58
N ARG A 61 3.85 5.77 -9.98
CA ARG A 61 3.10 4.74 -10.70
C ARG A 61 2.25 5.35 -11.81
N ALA A 62 1.56 6.46 -11.51
CA ALA A 62 0.79 7.17 -12.51
C ALA A 62 1.67 7.62 -13.67
N ALA A 63 2.85 8.15 -13.37
CA ALA A 63 3.79 8.54 -14.43
C ALA A 63 4.25 7.34 -15.24
N TRP A 64 4.62 6.26 -14.54
CA TRP A 64 5.05 5.04 -15.21
C TRP A 64 3.98 4.52 -16.16
N ARG A 65 2.71 4.54 -15.74
CA ARG A 65 1.66 4.04 -16.62
C ARG A 65 1.53 4.90 -17.87
N VAL A 66 1.67 6.22 -17.73
CA VAL A 66 1.61 7.10 -18.90
C VAL A 66 2.74 6.75 -19.85
N LEU A 67 3.97 6.66 -19.32
CA LEU A 67 5.14 6.40 -20.16
C LEU A 67 5.08 5.01 -20.78
N SER A 68 4.61 4.02 -20.04
CA SER A 68 4.54 2.66 -20.56
CA SER A 68 4.54 2.67 -20.56
C SER A 68 3.55 2.58 -21.72
N SER A 69 2.41 3.28 -21.60
CA SER A 69 1.47 3.32 -22.71
CA SER A 69 1.47 3.32 -22.71
C SER A 69 2.09 3.99 -23.93
N ILE A 70 2.85 5.06 -23.73
CA ILE A 70 3.51 5.70 -24.87
C ILE A 70 4.55 4.77 -25.47
N GLU A 71 5.34 4.12 -24.61
CA GLU A 71 6.35 3.17 -25.09
C GLU A 71 5.72 2.05 -25.92
N GLN A 72 4.60 1.51 -25.45
CA GLN A 72 3.94 0.41 -26.14
C GLN A 72 3.43 0.86 -27.50
N LYS A 73 2.77 2.02 -27.57
CA LYS A 73 2.35 2.54 -28.88
C LYS A 73 3.56 2.69 -29.81
N SER A 74 4.68 3.17 -29.28
CA SER A 74 5.88 3.34 -30.08
C SER A 74 6.52 2.01 -30.49
N ASN A 75 5.95 0.87 -30.10
CA ASN A 75 6.44 -0.44 -30.53
C ASN A 75 5.40 -1.20 -31.35
N GLU A 76 4.34 -0.54 -31.81
CA GLU A 76 3.25 -1.20 -32.52
C GLU A 76 3.55 -1.36 -34.00
N LYS A 82 11.66 5.63 -33.19
CA LYS A 82 11.49 6.86 -32.43
C LYS A 82 12.61 7.03 -31.39
N GLY A 83 13.65 6.22 -31.50
CA GLY A 83 14.81 6.36 -30.66
C GLY A 83 14.63 5.76 -29.28
N PRO A 84 15.71 5.78 -28.49
CA PRO A 84 15.68 5.16 -27.17
C PRO A 84 15.05 6.01 -26.08
N GLU A 85 14.56 7.23 -26.38
CA GLU A 85 14.25 8.17 -25.32
C GLU A 85 13.05 7.73 -24.47
N VAL A 86 12.00 7.21 -25.08
CA VAL A 86 10.84 6.80 -24.31
C VAL A 86 11.23 5.67 -23.34
N ARG A 87 11.94 4.66 -23.85
CA ARG A 87 12.38 3.58 -22.98
C ARG A 87 13.29 4.09 -21.88
N GLU A 88 14.26 4.95 -22.22
CA GLU A 88 15.16 5.50 -21.23
C GLU A 88 14.39 6.20 -20.11
N TYR A 89 13.43 7.05 -20.49
CA TYR A 89 12.76 7.83 -19.46
C TYR A 89 11.79 6.97 -18.66
N ARG A 90 11.10 6.03 -19.31
CA ARG A 90 10.30 5.05 -18.55
C ARG A 90 11.18 4.28 -17.57
N GLU A 91 12.37 3.85 -18.01
CA GLU A 91 13.29 3.15 -17.11
C GLU A 91 13.73 4.04 -15.95
N LYS A 92 13.96 5.33 -16.20
CA LYS A 92 14.36 6.25 -15.14
C LYS A 92 13.27 6.30 -14.06
N VAL A 93 12.03 6.50 -14.48
CA VAL A 93 10.93 6.57 -13.52
C VAL A 93 10.78 5.23 -12.80
N GLU A 94 10.86 4.14 -13.54
CA GLU A 94 10.75 2.80 -12.98
C GLU A 94 11.81 2.57 -11.91
N THR A 95 13.06 2.93 -12.20
CA THR A 95 14.12 2.76 -11.22
C THR A 95 13.87 3.58 -9.97
N GLU A 96 13.38 4.81 -10.12
CA GLU A 96 13.11 5.61 -8.92
CA GLU A 96 13.08 5.63 -8.94
C GLU A 96 11.96 5.01 -8.12
N LEU A 97 10.95 4.48 -8.81
CA LEU A 97 9.84 3.82 -8.16
CA LEU A 97 9.84 3.82 -8.16
C LEU A 97 10.31 2.60 -7.38
N GLN A 98 11.16 1.78 -8.01
CA GLN A 98 11.70 0.60 -7.34
C GLN A 98 12.51 0.99 -6.12
N GLY A 99 13.25 2.10 -6.21
CA GLY A 99 14.00 2.56 -5.07
C GLY A 99 13.11 2.94 -3.89
N VAL A 100 12.00 3.61 -4.16
CA VAL A 100 11.05 3.96 -3.09
C VAL A 100 10.48 2.69 -2.48
N CYS A 101 10.06 1.74 -3.33
CA CYS A 101 9.54 0.48 -2.80
C CYS A 101 10.59 -0.25 -1.95
N ASP A 102 11.84 -0.30 -2.42
CA ASP A 102 12.89 -0.93 -1.65
C ASP A 102 13.13 -0.21 -0.33
N THR A 103 13.02 1.11 -0.33
CA THR A 103 13.18 1.86 0.91
C THR A 103 12.11 1.49 1.92
N VAL A 104 10.85 1.43 1.48
CA VAL A 104 9.76 1.10 2.38
C VAL A 104 9.90 -0.32 2.90
N LEU A 105 10.10 -1.28 2.00
CA LEU A 105 10.35 -2.66 2.42
C LEU A 105 11.53 -2.76 3.36
N GLY A 106 12.56 -1.94 3.15
CA GLY A 106 13.68 -1.91 4.07
C GLY A 106 13.30 -1.46 5.47
N LEU A 107 12.47 -0.42 5.58
CA LEU A 107 11.99 0.02 6.89
C LEU A 107 11.18 -1.07 7.56
N LEU A 108 10.36 -1.77 6.78
CA LEU A 108 9.53 -2.81 7.35
C LEU A 108 10.39 -3.97 7.87
N ASP A 109 11.46 -4.31 7.14
N ASP A 109 11.45 -4.33 7.13
CA ASP A 109 12.31 -5.44 7.52
CA ASP A 109 12.30 -5.46 7.53
C ASP A 109 13.31 -5.06 8.59
C ASP A 109 13.32 -5.06 8.58
N SER A 110 13.66 -3.77 8.69
CA SER A 110 14.66 -3.25 9.63
C SER A 110 14.10 -2.00 10.31
N HIS A 111 13.23 -2.14 11.32
CA HIS A 111 12.88 -3.38 11.98
C HIS A 111 11.43 -3.31 12.44
N LEU A 112 10.59 -2.66 11.64
CA LEU A 112 9.22 -2.42 12.06
C LEU A 112 8.46 -3.72 12.31
N ILE A 113 8.53 -4.66 11.38
CA ILE A 113 7.72 -5.89 11.51
C ILE A 113 8.16 -6.71 12.72
N LYS A 114 9.47 -6.92 12.89
CA LYS A 114 9.89 -7.80 13.98
C LYS A 114 9.59 -7.19 15.34
N GLU A 115 9.54 -5.86 15.44
CA GLU A 115 9.31 -5.18 16.70
C GLU A 115 7.84 -4.89 16.97
N ALA A 116 6.94 -5.27 16.05
CA ALA A 116 5.52 -5.03 16.20
C ALA A 116 4.90 -6.15 17.04
N GLY A 117 4.71 -5.88 18.33
CA GLY A 117 4.16 -6.92 19.20
C GLY A 117 2.68 -7.15 18.96
N ASP A 118 1.90 -6.06 18.96
CA ASP A 118 0.46 -6.15 18.85
C ASP A 118 0.05 -6.72 17.49
N ALA A 119 -1.07 -7.44 17.48
CA ALA A 119 -1.65 -7.87 16.20
C ALA A 119 -1.96 -6.71 15.27
N GLU A 120 -2.54 -5.63 15.81
CA GLU A 120 -2.94 -4.53 14.96
C GLU A 120 -1.73 -3.90 14.26
N SER A 121 -0.61 -3.76 14.98
CA SER A 121 0.60 -3.21 14.36
C SER A 121 1.18 -4.19 13.35
N ARG A 122 1.25 -5.46 13.69
CA ARG A 122 1.82 -6.43 12.77
C ARG A 122 0.99 -6.52 11.49
N VAL A 123 -0.33 -6.49 11.61
CA VAL A 123 -1.19 -6.52 10.43
C VAL A 123 -0.94 -5.31 9.54
N PHE A 124 -0.83 -4.12 10.15
CA PHE A 124 -0.59 -2.88 9.42
C PHE A 124 0.65 -3.01 8.56
N TYR A 125 1.74 -3.51 9.14
CA TYR A 125 3.01 -3.56 8.44
C TYR A 125 3.07 -4.68 7.40
N LEU A 126 2.46 -5.84 7.70
CA LEU A 126 2.41 -6.89 6.69
C LEU A 126 1.57 -6.47 5.49
N LYS A 127 0.51 -5.70 5.74
CA LYS A 127 -0.27 -5.17 4.64
C LYS A 127 0.57 -4.24 3.78
N MET A 128 1.33 -3.33 4.43
CA MET A 128 2.23 -2.47 3.66
C MET A 128 3.24 -3.30 2.88
N LYS A 129 3.75 -4.38 3.47
CA LYS A 129 4.72 -5.21 2.77
C LYS A 129 4.09 -5.81 1.50
N GLY A 130 2.88 -6.28 1.61
CA GLY A 130 2.15 -6.74 0.44
C GLY A 130 2.01 -5.66 -0.60
N ASP A 131 1.64 -4.45 -0.18
CA ASP A 131 1.43 -3.36 -1.13
C ASP A 131 2.71 -3.04 -1.91
N TYR A 132 3.84 -2.93 -1.21
CA TYR A 132 5.07 -2.49 -1.90
C TYR A 132 5.69 -3.60 -2.74
N TYR A 133 5.54 -4.88 -2.36
CA TYR A 133 5.84 -5.92 -3.34
C TYR A 133 4.86 -5.89 -4.50
N ARG A 134 3.58 -5.58 -4.25
CA ARG A 134 2.63 -5.43 -5.36
C ARG A 134 3.06 -4.32 -6.33
N TYR A 135 3.51 -3.18 -5.82
CA TYR A 135 3.94 -2.11 -6.72
C TYR A 135 5.18 -2.54 -7.51
N LEU A 136 6.09 -3.28 -6.87
CA LEU A 136 7.20 -3.86 -7.62
C LEU A 136 6.70 -4.82 -8.69
N ALA A 137 5.70 -5.63 -8.38
CA ALA A 137 5.18 -6.57 -9.38
C ALA A 137 4.59 -5.84 -10.58
N GLU A 138 4.03 -4.63 -10.36
CA GLU A 138 3.38 -3.92 -11.45
C GLU A 138 4.37 -3.64 -12.58
N VAL A 139 5.65 -3.49 -12.26
CA VAL A 139 6.67 -3.11 -13.24
C VAL A 139 7.65 -4.21 -13.50
N ALA A 140 7.54 -5.35 -12.84
CA ALA A 140 8.48 -6.43 -12.97
C ALA A 140 8.23 -7.17 -14.28
N THR A 141 9.30 -7.55 -14.95
CA THR A 141 9.19 -8.25 -16.23
C THR A 141 10.13 -9.44 -16.35
N GLY A 142 11.12 -9.54 -15.50
CA GLY A 142 12.18 -10.49 -15.65
C GLY A 142 12.01 -11.70 -14.76
N ASP A 143 13.15 -12.29 -14.39
CA ASP A 143 13.15 -13.57 -13.69
C ASP A 143 12.59 -13.47 -12.28
N ASP A 144 12.49 -12.27 -11.72
CA ASP A 144 12.04 -12.11 -10.34
C ASP A 144 10.57 -11.75 -10.24
N LYS A 145 9.85 -11.63 -11.37
CA LYS A 145 8.45 -11.28 -11.27
C LYS A 145 7.69 -12.31 -10.43
N LYS A 146 7.97 -13.59 -10.64
CA LYS A 146 7.22 -14.61 -9.90
C LYS A 146 7.56 -14.58 -8.42
N ARG A 147 8.85 -14.44 -8.07
CA ARG A 147 9.22 -14.34 -6.66
C ARG A 147 8.55 -13.13 -5.99
N ILE A 148 8.48 -12.01 -6.72
CA ILE A 148 7.87 -10.80 -6.16
C ILE A 148 6.37 -11.01 -5.94
N ILE A 149 5.69 -11.63 -6.90
CA ILE A 149 4.25 -11.83 -6.77
C ILE A 149 3.95 -12.75 -5.58
N ASP A 150 4.71 -13.83 -5.44
CA ASP A 150 4.45 -14.76 -4.36
C ASP A 150 4.80 -14.15 -3.01
N SER A 151 5.79 -13.24 -2.98
CA SER A 151 6.11 -12.55 -1.73
C SER A 151 4.98 -11.61 -1.32
N ALA A 152 4.35 -10.94 -2.28
CA ALA A 152 3.20 -10.10 -1.94
C ALA A 152 2.08 -10.96 -1.39
N ARG A 153 1.79 -12.07 -2.06
CA ARG A 153 0.71 -12.94 -1.60
C ARG A 153 0.96 -13.42 -0.19
N SER A 154 2.20 -13.85 0.10
CA SER A 154 2.51 -14.38 1.41
C SER A 154 2.35 -13.33 2.51
N ALA A 155 2.78 -12.09 2.24
CA ALA A 155 2.63 -11.03 3.22
C ALA A 155 1.15 -10.71 3.45
N TYR A 156 0.38 -10.57 2.37
CA TYR A 156 -1.05 -10.30 2.49
C TYR A 156 -1.75 -11.42 3.25
N GLN A 157 -1.42 -12.67 2.94
CA GLN A 157 -2.14 -13.78 3.55
C GLN A 157 -1.84 -13.89 5.03
N GLU A 158 -0.58 -13.68 5.44
CA GLU A 158 -0.28 -13.70 6.87
C GLU A 158 -1.02 -12.58 7.59
N ALA A 159 -1.13 -11.40 6.94
CA ALA A 159 -1.91 -10.31 7.52
C ALA A 159 -3.38 -10.68 7.66
N MET A 160 -3.95 -11.31 6.62
CA MET A 160 -5.34 -11.75 6.68
C MET A 160 -5.56 -12.72 7.82
N ASP A 161 -4.68 -13.72 7.93
CA ASP A 161 -4.78 -14.72 9.01
C ASP A 161 -4.81 -14.06 10.38
N ILE A 162 -3.89 -13.11 10.62
CA ILE A 162 -3.86 -12.42 11.92
C ILE A 162 -5.12 -11.55 12.08
N SER A 163 -5.48 -10.80 11.02
CA SER A 163 -6.62 -9.90 11.14
C SER A 163 -7.90 -10.67 11.44
N LYS A 164 -8.05 -11.86 10.88
CA LYS A 164 -9.27 -12.61 11.14
C LYS A 164 -9.34 -13.12 12.56
N LYS A 165 -8.20 -13.48 13.15
CA LYS A 165 -8.21 -13.93 14.54
C LYS A 165 -8.33 -12.78 15.53
N GLU A 166 -7.77 -11.61 15.23
CA GLU A 166 -7.57 -10.59 16.24
C GLU A 166 -8.34 -9.29 16.03
N MET A 167 -9.02 -9.11 14.90
CA MET A 167 -9.71 -7.88 14.60
CA MET A 167 -9.72 -7.87 14.64
C MET A 167 -11.14 -8.17 14.16
N PRO A 168 -12.07 -7.29 14.46
CA PRO A 168 -13.45 -7.49 13.97
C PRO A 168 -13.55 -7.26 12.48
N PRO A 169 -14.58 -7.79 11.83
CA PRO A 169 -14.68 -7.68 10.37
C PRO A 169 -14.93 -6.27 9.87
N THR A 170 -15.30 -5.33 10.75
CA THR A 170 -15.45 -3.94 10.39
C THR A 170 -14.20 -3.10 10.60
N ASN A 171 -13.16 -3.65 11.17
CA ASN A 171 -11.95 -2.87 11.43
C ASN A 171 -11.42 -2.28 10.13
N PRO A 172 -11.17 -0.97 10.08
CA PRO A 172 -10.82 -0.35 8.80
C PRO A 172 -9.49 -0.79 8.23
N ILE A 173 -8.54 -1.19 9.08
CA ILE A 173 -7.28 -1.70 8.56
C ILE A 173 -7.50 -3.08 7.95
N ARG A 174 -8.31 -3.90 8.61
CA ARG A 174 -8.69 -5.19 8.03
C ARG A 174 -9.41 -5.03 6.71
N LEU A 175 -10.33 -4.06 6.60
CA LEU A 175 -11.04 -3.83 5.35
C LEU A 175 -10.10 -3.31 4.26
N GLY A 176 -9.19 -2.41 4.59
CA GLY A 176 -8.24 -1.93 3.59
C GLY A 176 -7.28 -3.02 3.12
N LEU A 177 -6.89 -3.90 4.02
CA LEU A 177 -6.09 -5.06 3.64
C LEU A 177 -6.82 -5.94 2.64
N ALA A 178 -8.08 -6.26 2.94
CA ALA A 178 -8.87 -7.10 2.06
C ALA A 178 -9.09 -6.46 0.70
N LEU A 179 -9.40 -5.16 0.69
CA LEU A 179 -9.52 -4.41 -0.55
C LEU A 179 -8.28 -4.57 -1.42
N ASN A 180 -7.10 -4.36 -0.85
CA ASN A 180 -5.88 -4.40 -1.64
C ASN A 180 -5.47 -5.82 -2.02
N PHE A 181 -5.67 -6.79 -1.12
CA PHE A 181 -5.39 -8.18 -1.48
C PHE A 181 -6.30 -8.60 -2.62
N SER A 182 -7.54 -8.13 -2.61
CA SER A 182 -8.47 -8.45 -3.69
C SER A 182 -7.99 -7.88 -5.01
N VAL A 183 -7.50 -6.63 -5.00
CA VAL A 183 -6.96 -6.03 -6.23
C VAL A 183 -5.72 -6.78 -6.70
N PHE A 184 -4.86 -7.18 -5.77
CA PHE A 184 -3.72 -8.02 -6.10
C PHE A 184 -4.17 -9.24 -6.88
N HIS A 185 -5.18 -9.95 -6.35
CA HIS A 185 -5.67 -11.14 -7.02
C HIS A 185 -6.14 -10.79 -8.42
N TYR A 186 -6.88 -9.68 -8.56
CA TYR A 186 -7.52 -9.36 -9.82
C TYR A 186 -6.49 -9.02 -10.91
N GLU A 187 -5.55 -8.14 -10.61
CA GLU A 187 -4.73 -7.60 -11.69
C GLU A 187 -3.26 -7.99 -11.62
N ILE A 188 -2.80 -8.60 -10.54
CA ILE A 188 -1.44 -9.11 -10.47
C ILE A 188 -1.40 -10.62 -10.66
N ALA A 189 -2.25 -11.36 -9.94
CA ALA A 189 -2.19 -12.81 -9.94
C ALA A 189 -3.10 -13.46 -11.00
N ASN A 190 -3.81 -12.67 -11.81
CA ASN A 190 -4.74 -13.24 -12.79
C ASN A 190 -5.73 -14.20 -12.13
N SER A 191 -6.29 -13.77 -11.01
CA SER A 191 -7.25 -14.58 -10.25
C SER A 191 -8.48 -13.73 -9.97
N PRO A 192 -9.20 -13.33 -11.02
CA PRO A 192 -10.35 -12.44 -10.81
C PRO A 192 -11.46 -13.06 -9.98
N GLU A 193 -11.66 -14.38 -10.03
CA GLU A 193 -12.72 -14.94 -9.20
C GLU A 193 -12.28 -14.89 -7.73
N GLU A 194 -11.00 -15.12 -7.45
CA GLU A 194 -10.52 -14.97 -6.09
C GLU A 194 -10.74 -13.55 -5.60
N ALA A 195 -10.47 -12.57 -6.48
CA ALA A 195 -10.63 -11.17 -6.14
C ALA A 195 -12.08 -10.83 -5.82
N ILE A 196 -13.00 -11.31 -6.65
CA ILE A 196 -14.41 -11.03 -6.46
C ILE A 196 -14.91 -11.72 -5.20
N SER A 197 -14.49 -12.96 -4.98
CA SER A 197 -14.93 -13.68 -3.78
CA SER A 197 -14.91 -13.70 -3.78
C SER A 197 -14.42 -13.01 -2.51
N LEU A 198 -13.18 -12.54 -2.51
CA LEU A 198 -12.68 -11.87 -1.32
C LEU A 198 -13.41 -10.56 -1.08
N ALA A 199 -13.63 -9.75 -2.13
CA ALA A 199 -14.30 -8.47 -1.92
C ALA A 199 -15.72 -8.69 -1.40
N LYS A 200 -16.42 -9.70 -1.93
CA LYS A 200 -17.81 -9.97 -1.54
C LYS A 200 -17.91 -10.47 -0.10
N THR A 201 -17.12 -11.47 0.26
CA THR A 201 -17.17 -11.99 1.62
C THR A 201 -16.78 -10.92 2.62
N THR A 202 -15.78 -10.10 2.27
CA THR A 202 -15.37 -9.02 3.17
C THR A 202 -16.48 -8.00 3.35
N PHE A 203 -17.09 -7.59 2.25
CA PHE A 203 -18.19 -6.65 2.33
C PHE A 203 -19.33 -7.19 3.18
N ASP A 204 -19.75 -8.43 2.90
CA ASP A 204 -20.92 -8.98 3.60
C ASP A 204 -20.66 -9.19 5.09
N GLU A 205 -19.46 -9.65 5.44
CA GLU A 205 -19.16 -9.86 6.85
C GLU A 205 -19.07 -8.53 7.61
N ALA A 206 -18.63 -7.47 6.95
CA ALA A 206 -18.63 -6.16 7.58
C ALA A 206 -20.06 -5.63 7.73
N MET A 207 -20.86 -5.78 6.70
CA MET A 207 -22.25 -5.36 6.77
C MET A 207 -22.94 -5.96 7.98
N ALA A 208 -22.71 -7.25 8.22
CA ALA A 208 -23.39 -7.96 9.31
C ALA A 208 -22.90 -7.54 10.68
N ASP A 209 -21.78 -6.81 10.76
N ASP A 209 -21.78 -6.82 10.81
CA ASP A 209 -21.19 -6.35 12.01
CA ASP A 209 -21.35 -6.36 12.12
C ASP A 209 -21.42 -4.87 12.25
C ASP A 209 -21.45 -4.85 12.27
N LEU A 210 -22.03 -4.15 11.30
CA LEU A 210 -22.21 -2.71 11.45
C LEU A 210 -23.10 -2.41 12.66
N HIS A 211 -24.02 -3.31 13.01
CA HIS A 211 -24.92 -3.05 14.12
C HIS A 211 -24.18 -2.86 15.44
N THR A 212 -22.93 -3.31 15.54
CA THR A 212 -22.18 -3.23 16.79
C THR A 212 -21.45 -1.90 16.97
N LEU A 213 -21.46 -1.03 15.97
CA LEU A 213 -20.57 0.12 15.94
C LEU A 213 -21.22 1.39 16.48
N SER A 214 -20.41 2.17 17.19
CA SER A 214 -20.71 3.56 17.47
C SER A 214 -20.88 4.35 16.18
N GLU A 215 -21.40 5.58 16.31
CA GLU A 215 -21.56 6.43 15.15
C GLU A 215 -20.22 6.70 14.46
N ASP A 216 -19.15 6.93 15.25
CA ASP A 216 -17.84 7.20 14.67
C ASP A 216 -17.30 5.98 13.94
N SER A 217 -17.35 4.81 14.59
CA SER A 217 -16.83 3.59 13.98
C SER A 217 -17.63 3.20 12.75
N TYR A 218 -18.95 3.41 12.79
CA TYR A 218 -19.78 3.15 11.62
C TYR A 218 -19.30 3.93 10.41
N LYS A 219 -19.00 5.22 10.60
CA LYS A 219 -18.47 6.04 9.50
C LYS A 219 -17.15 5.50 8.99
N ASP A 220 -16.24 5.15 9.90
CA ASP A 220 -14.94 4.60 9.50
C ASP A 220 -15.13 3.37 8.60
N SER A 221 -16.00 2.46 9.02
CA SER A 221 -16.15 1.20 8.33
C SER A 221 -16.84 1.36 6.98
N THR A 222 -17.97 2.08 6.95
CA THR A 222 -18.69 2.22 5.71
C THR A 222 -17.88 2.98 4.65
N LEU A 223 -16.93 3.81 5.06
CA LEU A 223 -16.10 4.50 4.10
C LEU A 223 -15.31 3.51 3.25
N ILE A 224 -14.72 2.50 3.92
CA ILE A 224 -13.89 1.51 3.21
C ILE A 224 -14.77 0.47 2.53
N MET A 225 -15.91 0.10 3.13
CA MET A 225 -16.85 -0.79 2.46
C MET A 225 -17.30 -0.25 1.11
N GLN A 226 -17.43 1.07 1.00
CA GLN A 226 -17.82 1.63 -0.29
C GLN A 226 -16.78 1.33 -1.37
N LEU A 227 -15.49 1.34 -1.00
CA LEU A 227 -14.46 1.01 -1.98
C LEU A 227 -14.61 -0.44 -2.46
N LEU A 228 -14.90 -1.38 -1.53
CA LEU A 228 -15.15 -2.76 -1.94
C LEU A 228 -16.31 -2.85 -2.91
N ARG A 229 -17.41 -2.12 -2.63
CA ARG A 229 -18.56 -2.13 -3.53
C ARG A 229 -18.19 -1.56 -4.89
N ASP A 230 -17.42 -0.48 -4.92
CA ASP A 230 -17.02 0.13 -6.18
C ASP A 230 -16.28 -0.87 -7.06
N ASN A 231 -15.36 -1.66 -6.46
CA ASN A 231 -14.63 -2.64 -7.25
C ASN A 231 -15.52 -3.79 -7.70
N LEU A 232 -16.40 -4.28 -6.82
CA LEU A 232 -17.36 -5.29 -7.28
C LEU A 232 -18.20 -4.77 -8.44
N THR A 233 -18.58 -3.50 -8.39
CA THR A 233 -19.40 -2.93 -9.46
C THR A 233 -18.64 -2.93 -10.77
N LEU A 234 -17.36 -2.56 -10.71
CA LEU A 234 -16.51 -2.54 -11.89
C LEU A 234 -16.25 -3.94 -12.43
N TRP A 235 -16.17 -4.93 -11.54
CA TRP A 235 -15.67 -6.25 -11.93
C TRP A 235 -16.76 -7.23 -12.30
N THR A 236 -18.01 -6.93 -12.02
CA THR A 236 -19.09 -7.87 -12.33
C THR A 236 -20.25 -7.12 -13.00
N ARG B 8 -13.57 4.11 -15.19
CA ARG B 8 -13.24 4.26 -13.77
C ARG B 8 -12.19 3.24 -13.35
N ARG B 9 -11.22 3.69 -12.55
CA ARG B 9 -10.12 2.83 -12.12
C ARG B 9 -10.45 2.20 -10.78
N ARG B 10 -10.19 0.90 -10.65
CA ARG B 10 -10.41 0.20 -9.38
C ARG B 10 -9.72 0.93 -8.25
N GLN B 11 -10.23 0.77 -7.03
CA GLN B 11 -9.71 1.50 -5.90
C GLN B 11 -8.89 0.64 -4.94
#